data_8S4W
#
_entry.id   8S4W
#
_cell.length_a   66.600
_cell.length_b   66.600
_cell.length_c   120.586
_cell.angle_alpha   90.000
_cell.angle_beta   90.000
_cell.angle_gamma   90.000
#
_symmetry.space_group_name_H-M   'P 41 21 2'
#
loop_
_entity.id
_entity.type
_entity.pdbx_description
1 polymer 'Poly [ADP-ribose] polymerase tankyrase-2'
2 polymer 'Poly [ADP-ribose] polymerase tankyrase-2'
3 non-polymer (2~{R})-~{N}-[2-(4-~{tert}-butylphenyl)-4-oxidanylidene-3~{H}-quinazolin-8-yl]-2,3-bis(oxidanyl)propanamide
4 non-polymer 'ZINC ION'
5 non-polymer 'SULFATE ION'
6 water water
#
loop_
_entity_poly.entity_id
_entity_poly.type
_entity_poly.pdbx_seq_one_letter_code
_entity_poly.pdbx_strand_id
1 'polypeptide(L)'
;SMLNTSGSGTILIDLSPDDKEFQSVEEEMQSTVREHRDGGHAGGIFNRYNILKIQKVCNKKLWERYTHRRKEVSEENHNH
ANERMLFHGSPFVNAIIHKGFDERHAYIGGMFGAGIYFAENSSKSNQYVYGIGGGTGCPVHKDRSCYICHRQLLFCRVTL
GKSFLQFSAMK
;
A
2 'polypeptide(L)' MAHSPPGHHSVTGRPSVNGLALAEYVIYRGEQAYPEYLITYQIMRPEG E
#
loop_
_chem_comp.id
_chem_comp.type
_chem_comp.name
_chem_comp.formula
A1H44 non-polymer (2~{R})-~{N}-[2-(4-~{tert}-butylphenyl)-4-oxidanylidene-3~{H}-quinazolin-8-yl]-2,3-bis(oxidanyl)propanamide 'C21 H23 N3 O4'
SO4 non-polymer 'SULFATE ION' 'O4 S -2'
ZN non-polymer 'ZINC ION' 'Zn 2'
#
# COMPACT_ATOMS: atom_id res chain seq x y z
N GLY A 7 15.97 -17.33 5.62
CA GLY A 7 14.96 -18.38 5.64
C GLY A 7 13.63 -17.99 6.26
N SER A 8 12.85 -17.18 5.53
CA SER A 8 11.52 -16.73 5.96
C SER A 8 10.37 -17.42 5.24
N GLY A 9 10.66 -18.22 4.21
CA GLY A 9 9.66 -18.76 3.33
C GLY A 9 9.39 -17.91 2.10
N THR A 10 9.92 -16.69 2.06
CA THR A 10 9.58 -15.75 1.00
C THR A 10 10.60 -15.84 -0.13
N ILE A 11 10.10 -16.05 -1.35
CA ILE A 11 10.94 -15.85 -2.52
C ILE A 11 10.35 -14.71 -3.32
N LEU A 12 11.23 -13.98 -4.02
CA LEU A 12 10.88 -12.88 -4.90
C LEU A 12 11.18 -13.28 -6.34
N ILE A 13 10.13 -13.48 -7.13
CA ILE A 13 10.28 -13.81 -8.54
C ILE A 13 10.30 -12.51 -9.36
N ASP A 14 11.41 -12.25 -10.01
CA ASP A 14 11.53 -11.09 -10.88
C ASP A 14 10.67 -11.23 -12.14
N LEU A 15 9.87 -10.21 -12.44
CA LEU A 15 9.07 -10.24 -13.66
C LEU A 15 9.77 -9.50 -14.78
N SER A 16 9.62 -9.99 -15.96
CA SER A 16 10.12 -9.36 -17.15
C SER A 16 9.23 -8.20 -17.58
N PRO A 17 9.81 -7.13 -18.09
CA PRO A 17 8.99 -6.05 -18.66
C PRO A 17 8.05 -6.48 -19.77
N ASP A 18 8.34 -7.58 -20.48
CA ASP A 18 7.43 -8.12 -21.49
C ASP A 18 6.23 -8.85 -20.89
N ASP A 19 6.21 -9.12 -19.60
CA ASP A 19 5.16 -9.92 -18.99
C ASP A 19 3.86 -9.14 -18.87
N LYS A 20 2.73 -9.76 -19.24
CA LYS A 20 1.47 -9.02 -19.17
C LYS A 20 1.24 -8.51 -17.76
N GLU A 21 1.80 -9.19 -16.78
CA GLU A 21 1.54 -8.97 -15.37
C GLU A 21 2.41 -7.85 -14.80
N PHE A 22 3.66 -7.75 -15.28
CA PHE A 22 4.50 -6.55 -15.06
C PHE A 22 3.83 -5.31 -15.59
N GLN A 23 3.24 -5.42 -16.78
CA GLN A 23 2.75 -4.24 -17.47
C GLN A 23 1.48 -3.71 -16.85
N SER A 24 0.60 -4.59 -16.33
CA SER A 24 -0.62 -4.07 -15.74
C SER A 24 -0.37 -3.54 -14.34
N VAL A 25 0.58 -4.12 -13.61
CA VAL A 25 0.99 -3.55 -12.34
C VAL A 25 1.65 -2.19 -12.57
N GLU A 26 2.58 -2.09 -13.53
CA GLU A 26 3.18 -0.78 -13.79
C GLU A 26 2.12 0.25 -14.15
N GLU A 27 1.12 -0.17 -14.94
CA GLU A 27 0.10 0.75 -15.41
C GLU A 27 -0.69 1.30 -14.24
N GLU A 28 -1.05 0.44 -13.30
CA GLU A 28 -1.76 0.86 -12.10
C GLU A 28 -0.91 1.81 -11.26
N MET A 29 0.37 1.53 -11.17
CA MET A 29 1.27 2.46 -10.49
C MET A 29 1.24 3.83 -11.14
N GLN A 30 1.40 3.89 -12.48
CA GLN A 30 1.62 5.17 -13.16
C GLN A 30 0.32 5.96 -13.27
N SER A 31 -0.79 5.28 -13.48
CA SER A 31 -2.03 5.96 -13.75
C SER A 31 -2.73 6.48 -12.50
N THR A 32 -2.25 6.15 -11.30
CA THR A 32 -2.86 6.64 -10.08
C THR A 32 -2.00 7.67 -9.38
N VAL A 33 -1.02 8.25 -10.09
CA VAL A 33 -0.27 9.37 -9.56
C VAL A 33 -1.17 10.60 -9.51
N ARG A 34 -1.08 11.39 -8.45
CA ARG A 34 -1.81 12.65 -8.44
C ARG A 34 -0.97 13.71 -7.75
N GLU A 35 -1.40 14.96 -7.87
CA GLU A 35 -0.78 16.03 -7.10
C GLU A 35 -1.33 15.99 -5.67
N HIS A 36 -0.53 16.45 -4.73
CA HIS A 36 -0.88 16.39 -3.34
C HIS A 36 -0.94 17.80 -2.78
N ARG A 37 -1.81 18.00 -1.78
CA ARG A 37 -2.08 19.33 -1.26
C ARG A 37 -0.87 19.96 -0.59
N ASP A 38 0.20 19.19 -0.34
CA ASP A 38 1.41 19.72 0.24
C ASP A 38 2.43 20.13 -0.79
N GLY A 39 2.03 20.18 -2.06
CA GLY A 39 2.92 20.62 -3.11
C GLY A 39 4.15 19.75 -3.30
N GLY A 40 4.15 18.52 -2.80
CA GLY A 40 5.29 17.63 -2.95
C GLY A 40 6.17 17.56 -1.73
N HIS A 41 5.72 18.12 -0.61
CA HIS A 41 6.58 18.24 0.54
C HIS A 41 6.96 16.88 1.12
N ALA A 42 5.98 16.00 1.36
CA ALA A 42 6.30 14.71 1.97
C ALA A 42 6.97 13.76 0.98
N GLY A 43 6.45 13.67 -0.24
CA GLY A 43 6.79 12.60 -1.15
C GLY A 43 7.53 13.01 -2.40
N GLY A 44 7.71 14.32 -2.62
CA GLY A 44 8.41 14.85 -3.77
C GLY A 44 7.50 15.36 -4.87
N ILE A 45 8.15 16.00 -5.85
CA ILE A 45 7.47 16.63 -6.97
C ILE A 45 7.68 15.76 -8.20
N PHE A 46 6.61 15.18 -8.71
CA PHE A 46 6.72 14.31 -9.88
C PHE A 46 5.32 14.10 -10.43
N ASN A 47 5.28 13.69 -11.70
CA ASN A 47 4.06 13.29 -12.35
C ASN A 47 4.04 11.81 -12.71
N ARG A 48 5.17 11.15 -12.69
CA ARG A 48 5.27 9.78 -13.14
C ARG A 48 6.52 9.20 -12.51
N TYR A 49 6.68 7.90 -12.68
CA TYR A 49 7.78 7.16 -12.12
C TYR A 49 8.67 6.57 -13.21
N ASN A 50 9.90 6.29 -12.84
CA ASN A 50 10.70 5.30 -13.55
C ASN A 50 10.57 3.98 -12.79
N ILE A 51 9.82 3.04 -13.37
CA ILE A 51 9.75 1.69 -12.83
C ILE A 51 11.02 0.96 -13.21
N LEU A 52 11.71 0.43 -12.21
CA LEU A 52 13.00 -0.23 -12.38
C LEU A 52 12.89 -1.72 -12.30
N LYS A 53 12.09 -2.22 -11.36
CA LYS A 53 11.90 -3.65 -11.15
C LYS A 53 10.51 -3.89 -10.57
N ILE A 54 9.88 -4.99 -10.97
CA ILE A 54 8.69 -5.49 -10.27
C ILE A 54 8.91 -6.96 -9.96
N GLN A 55 8.70 -7.34 -8.70
CA GLN A 55 8.88 -8.70 -8.23
C GLN A 55 7.60 -9.25 -7.61
N LYS A 56 7.33 -10.52 -7.87
CA LYS A 56 6.24 -11.22 -7.19
C LYS A 56 6.71 -11.78 -5.85
N VAL A 57 5.88 -11.60 -4.82
CA VAL A 57 6.17 -12.05 -3.46
C VAL A 57 5.42 -13.34 -3.19
N CYS A 58 6.15 -14.43 -2.97
CA CYS A 58 5.62 -15.78 -2.87
C CYS A 58 5.98 -16.32 -1.49
N ASN A 59 4.97 -16.74 -0.73
CA ASN A 59 5.21 -17.21 0.62
C ASN A 59 3.98 -17.98 1.04
N LYS A 60 4.10 -19.30 1.13
CA LYS A 60 2.96 -20.19 1.23
C LYS A 60 2.23 -20.01 2.56
N LYS A 61 2.97 -19.90 3.65
CA LYS A 61 2.37 -19.65 4.94
C LYS A 61 1.58 -18.34 4.93
N LEU A 62 2.23 -17.24 4.56
CA LEU A 62 1.51 -15.96 4.60
C LEU A 62 0.33 -15.95 3.65
N TRP A 63 0.40 -16.66 2.53
CA TRP A 63 -0.75 -16.70 1.66
C TRP A 63 -1.90 -17.44 2.31
N GLU A 64 -1.61 -18.56 2.97
CA GLU A 64 -2.68 -19.30 3.63
C GLU A 64 -3.26 -18.53 4.79
N ARG A 65 -2.43 -17.77 5.50
CA ARG A 65 -2.92 -16.90 6.56
C ARG A 65 -3.89 -15.87 6.01
N TYR A 66 -3.60 -15.35 4.81
CA TYR A 66 -4.46 -14.35 4.20
C TYR A 66 -5.76 -14.98 3.73
N THR A 67 -5.69 -16.14 3.04
CA THR A 67 -6.91 -16.72 2.51
C THR A 67 -7.78 -17.29 3.62
N HIS A 68 -7.18 -17.68 4.74
CA HIS A 68 -7.99 -18.14 5.86
C HIS A 68 -8.82 -17.00 6.46
N ARG A 69 -8.21 -15.83 6.65
CA ARG A 69 -8.99 -14.69 7.11
C ARG A 69 -9.99 -14.21 6.06
N ARG A 70 -9.63 -14.26 4.77
CA ARG A 70 -10.55 -13.86 3.70
C ARG A 70 -11.86 -14.62 3.78
N LYS A 71 -11.76 -15.95 3.97
CA LYS A 71 -12.95 -16.79 4.14
C LYS A 71 -13.75 -16.41 5.38
N GLU A 72 -13.09 -16.06 6.47
CA GLU A 72 -13.84 -15.59 7.65
C GLU A 72 -14.64 -14.34 7.30
N VAL A 73 -13.99 -13.34 6.72
CA VAL A 73 -14.65 -12.08 6.40
C VAL A 73 -15.76 -12.31 5.40
N SER A 74 -15.45 -13.04 4.34
CA SER A 74 -16.42 -13.38 3.31
C SER A 74 -17.72 -13.92 3.92
N GLU A 75 -17.60 -14.87 4.83
CA GLU A 75 -18.81 -15.53 5.33
C GLU A 75 -19.58 -14.66 6.29
N GLU A 76 -18.94 -13.68 6.93
CA GLU A 76 -19.59 -12.62 7.68
C GLU A 76 -20.14 -11.48 6.80
N ASN A 77 -20.11 -11.60 5.47
CA ASN A 77 -20.51 -10.47 4.62
C ASN A 77 -21.10 -11.00 3.33
N HIS A 78 -22.19 -11.77 3.46
CA HIS A 78 -22.85 -12.48 2.36
C HIS A 78 -21.87 -12.96 1.28
N ASN A 79 -20.84 -13.71 1.68
CA ASN A 79 -19.90 -14.32 0.73
CA ASN A 79 -19.89 -14.33 0.74
C ASN A 79 -19.24 -13.28 -0.16
N HIS A 80 -18.85 -12.14 0.41
CA HIS A 80 -18.22 -11.05 -0.33
C HIS A 80 -17.04 -10.53 0.47
N ALA A 81 -15.83 -10.97 0.09
CA ALA A 81 -14.62 -10.48 0.73
C ALA A 81 -14.37 -8.98 0.47
N ASN A 82 -14.90 -8.43 -0.60
CA ASN A 82 -14.62 -7.05 -1.00
C ASN A 82 -13.12 -6.84 -1.15
N GLU A 83 -12.51 -7.66 -1.99
CA GLU A 83 -11.06 -7.69 -2.10
C GLU A 83 -10.61 -6.68 -3.16
N ARG A 84 -9.63 -5.86 -2.80
CA ARG A 84 -9.05 -4.85 -3.65
C ARG A 84 -7.55 -5.11 -3.81
N MET A 85 -6.96 -4.41 -4.79
CA MET A 85 -5.51 -4.29 -4.92
C MET A 85 -5.17 -2.83 -4.62
N LEU A 86 -4.33 -2.63 -3.61
CA LEU A 86 -4.03 -1.32 -3.05
C LEU A 86 -2.54 -1.19 -2.78
N PHE A 87 -2.09 0.04 -2.65
CA PHE A 87 -0.68 0.34 -2.44
C PHE A 87 -0.39 0.56 -0.97
N HIS A 88 0.82 0.19 -0.60
CA HIS A 88 1.35 0.39 0.74
C HIS A 88 2.80 0.82 0.65
N GLY A 89 3.09 1.99 1.21
CA GLY A 89 4.45 2.48 1.31
C GLY A 89 4.82 2.56 2.76
N SER A 90 6.00 2.04 3.11
CA SER A 90 6.43 2.03 4.49
C SER A 90 7.91 1.76 4.55
N PRO A 91 8.60 2.32 5.54
CA PRO A 91 9.99 1.91 5.78
C PRO A 91 10.13 0.43 6.16
N PHE A 92 9.06 -0.27 6.48
CA PHE A 92 9.17 -1.67 6.91
C PHE A 92 8.88 -2.65 5.78
N VAL A 93 8.93 -2.22 4.51
CA VAL A 93 8.54 -3.11 3.42
C VAL A 93 9.32 -4.42 3.51
N ASN A 94 10.58 -4.37 3.94
CA ASN A 94 11.35 -5.62 4.00
C ASN A 94 10.88 -6.53 5.12
N ALA A 95 10.46 -5.98 6.25
CA ALA A 95 9.86 -6.87 7.22
C ALA A 95 8.58 -7.46 6.67
N ILE A 96 7.77 -6.59 6.05
CA ILE A 96 6.44 -6.99 5.60
C ILE A 96 6.52 -8.17 4.65
N ILE A 97 7.42 -8.12 3.67
CA ILE A 97 7.45 -9.18 2.67
C ILE A 97 7.96 -10.49 3.24
N HIS A 98 8.76 -10.45 4.32
CA HIS A 98 9.26 -11.68 4.94
C HIS A 98 8.41 -12.16 6.11
N LYS A 99 7.92 -11.25 6.93
CA LYS A 99 7.13 -11.59 8.11
C LYS A 99 5.64 -11.40 7.90
N GLY A 100 5.21 -10.68 6.87
CA GLY A 100 3.81 -10.39 6.68
C GLY A 100 3.40 -9.16 7.49
N PHE A 101 2.16 -8.74 7.31
CA PHE A 101 1.66 -7.56 8.00
C PHE A 101 1.26 -7.93 9.42
N ASP A 102 1.57 -7.05 10.37
CA ASP A 102 1.09 -7.20 11.75
C ASP A 102 1.07 -5.82 12.37
N GLU A 103 0.89 -5.75 13.70
CA GLU A 103 0.66 -4.48 14.37
C GLU A 103 1.88 -3.56 14.42
N ARG A 104 3.07 -4.02 14.06
CA ARG A 104 4.21 -3.12 13.98
C ARG A 104 4.15 -2.22 12.76
N HIS A 105 3.31 -2.58 11.80
CA HIS A 105 3.13 -1.80 10.58
C HIS A 105 1.90 -0.91 10.64
N ALA A 106 1.13 -1.01 11.72
CA ALA A 106 0.03 -0.08 11.96
C ALA A 106 0.54 1.29 12.38
N TYR A 107 -0.26 2.31 12.08
CA TYR A 107 0.04 3.68 12.50
C TYR A 107 -0.86 4.02 13.67
N ILE A 108 -0.28 4.02 14.89
CA ILE A 108 -1.09 4.21 16.08
C ILE A 108 -1.79 5.56 16.03
N GLY A 109 -1.17 6.55 15.39
CA GLY A 109 -1.68 7.91 15.42
C GLY A 109 -2.46 8.29 14.19
N GLY A 110 -2.93 7.29 13.45
CA GLY A 110 -3.64 7.57 12.21
C GLY A 110 -5.00 8.19 12.44
N MET A 111 -5.41 9.01 11.46
CA MET A 111 -6.76 9.54 11.35
C MET A 111 -7.83 8.54 11.72
N PHE A 112 -7.89 7.43 11.00
CA PHE A 112 -8.94 6.44 11.19
C PHE A 112 -8.57 5.35 12.20
N GLY A 113 -7.68 5.63 13.13
CA GLY A 113 -7.37 4.72 14.21
C GLY A 113 -6.01 4.05 14.05
N ALA A 114 -5.72 3.16 14.97
CA ALA A 114 -4.45 2.43 14.98
C ALA A 114 -4.60 1.18 14.11
N GLY A 115 -4.45 1.38 12.79
CA GLY A 115 -4.54 0.30 11.84
C GLY A 115 -3.51 0.41 10.73
N ILE A 116 -3.60 -0.43 9.71
CA ILE A 116 -2.65 -0.42 8.59
C ILE A 116 -3.33 0.26 7.41
N TYR A 117 -2.69 1.29 6.87
CA TYR A 117 -3.22 2.18 5.86
C TYR A 117 -2.77 1.82 4.45
N PHE A 118 -3.71 1.81 3.51
CA PHE A 118 -3.46 1.56 2.09
C PHE A 118 -4.10 2.66 1.25
N ALA A 119 -3.61 2.82 0.02
CA ALA A 119 -4.06 3.89 -0.85
C ALA A 119 -4.45 3.37 -2.22
N GLU A 120 -5.46 3.99 -2.82
CA GLU A 120 -5.66 3.77 -4.26
C GLU A 120 -4.67 4.58 -5.08
N ASN A 121 -4.19 5.71 -4.56
CA ASN A 121 -3.22 6.55 -5.26
C ASN A 121 -1.82 6.09 -4.88
N SER A 122 -1.06 5.58 -5.86
CA SER A 122 0.31 5.21 -5.56
C SER A 122 1.09 6.38 -5.00
N SER A 123 0.84 7.59 -5.51
CA SER A 123 1.61 8.75 -5.04
C SER A 123 1.32 9.05 -3.59
N LYS A 124 0.18 8.60 -3.07
CA LYS A 124 -0.12 8.75 -1.64
C LYS A 124 0.75 7.83 -0.78
N SER A 125 0.76 6.53 -1.10
CA SER A 125 1.69 5.62 -0.44
C SER A 125 3.13 6.11 -0.58
N ASN A 126 3.46 6.74 -1.69
CA ASN A 126 4.82 7.24 -1.89
C ASN A 126 5.24 8.21 -0.81
N GLN A 127 4.27 8.84 -0.15
CA GLN A 127 4.58 9.79 0.91
C GLN A 127 5.08 9.13 2.18
N TYR A 128 4.83 7.83 2.38
CA TYR A 128 5.27 7.13 3.59
C TYR A 128 6.46 6.20 3.34
N VAL A 129 7.05 6.22 2.15
CA VAL A 129 8.19 5.35 1.90
C VAL A 129 9.29 5.64 2.91
N TYR A 130 9.52 6.92 3.21
CA TYR A 130 10.55 7.34 4.16
C TYR A 130 9.96 7.71 5.52
N GLY A 131 8.78 7.21 5.84
CA GLY A 131 8.18 7.38 7.16
C GLY A 131 7.05 8.40 7.15
N ILE A 132 6.57 8.70 8.36
CA ILE A 132 5.52 9.70 8.52
C ILE A 132 5.95 11.01 7.89
N GLY A 133 5.13 11.53 7.01
CA GLY A 133 5.37 12.85 6.47
C GLY A 133 6.50 12.90 5.51
N GLY A 134 6.96 11.74 5.06
CA GLY A 134 8.18 11.67 4.29
C GLY A 134 9.43 11.65 5.13
N GLY A 135 9.27 11.61 6.46
CA GLY A 135 10.40 11.64 7.37
C GLY A 135 11.37 12.72 6.97
N THR A 136 12.65 12.34 6.94
CA THR A 136 13.75 13.17 6.50
C THR A 136 14.20 12.87 5.08
N GLY A 137 13.41 12.11 4.34
CA GLY A 137 13.74 11.82 2.96
C GLY A 137 14.69 10.65 2.87
N CYS A 138 15.34 10.54 1.71
CA CYS A 138 16.19 9.39 1.44
C CYS A 138 17.36 9.30 2.41
N PRO A 139 17.82 8.09 2.73
CA PRO A 139 19.00 7.95 3.60
C PRO A 139 20.25 8.70 3.15
N VAL A 140 20.48 8.77 1.85
CA VAL A 140 21.77 9.24 1.36
C VAL A 140 21.83 10.76 1.28
N HIS A 141 20.75 11.38 0.81
CA HIS A 141 20.72 12.81 0.60
C HIS A 141 19.83 13.54 1.59
N LYS A 142 19.04 12.82 2.38
CA LYS A 142 17.98 13.40 3.20
C LYS A 142 17.06 14.28 2.35
N ASP A 143 16.65 13.75 1.19
CA ASP A 143 15.89 14.52 0.23
C ASP A 143 14.57 13.79 -0.02
N ARG A 144 13.48 14.39 0.47
CA ARG A 144 12.16 13.79 0.33
C ARG A 144 11.75 13.73 -1.13
N SER A 145 12.34 14.59 -1.96
CA SER A 145 12.10 14.60 -3.38
C SER A 145 13.28 14.02 -4.16
N CYS A 146 14.04 13.11 -3.56
CA CYS A 146 15.19 12.55 -4.27
C CYS A 146 14.75 11.90 -5.58
N TYR A 147 15.39 12.30 -6.67
CA TYR A 147 15.19 11.67 -7.98
C TYR A 147 16.23 10.60 -8.29
N ILE A 148 17.20 10.41 -7.38
CA ILE A 148 18.30 9.48 -7.54
C ILE A 148 18.00 8.16 -6.84
N CYS A 149 17.70 8.23 -5.55
CA CYS A 149 17.65 7.02 -4.76
C CYS A 149 16.43 6.21 -5.15
N HIS A 150 16.63 4.89 -5.15
CA HIS A 150 15.58 3.94 -5.46
C HIS A 150 14.61 3.84 -4.30
N ARG A 151 13.34 3.64 -4.62
CA ARG A 151 12.26 3.52 -3.65
C ARG A 151 11.53 2.22 -3.89
N GLN A 152 10.86 1.73 -2.88
CA GLN A 152 10.00 0.57 -3.00
C GLN A 152 8.61 0.83 -2.42
N LEU A 153 7.60 0.36 -3.16
CA LEU A 153 6.22 0.28 -2.72
C LEU A 153 5.76 -1.16 -2.82
N LEU A 154 4.78 -1.50 -1.99
CA LEU A 154 4.04 -2.76 -2.16
C LEU A 154 2.72 -2.49 -2.86
N PHE A 155 2.37 -3.38 -3.76
CA PHE A 155 1.04 -3.44 -4.36
C PHE A 155 0.42 -4.70 -3.78
N CYS A 156 -0.60 -4.55 -2.94
CA CYS A 156 -1.07 -5.62 -2.08
C CYS A 156 -2.52 -6.02 -2.33
N ARG A 157 -2.82 -7.27 -1.98
CA ARG A 157 -4.17 -7.79 -2.04
C ARG A 157 -4.79 -7.59 -0.65
N VAL A 158 -5.92 -6.86 -0.58
CA VAL A 158 -6.51 -6.43 0.70
C VAL A 158 -7.97 -6.84 0.79
N THR A 159 -8.34 -7.48 1.88
CA THR A 159 -9.73 -7.83 2.16
C THR A 159 -10.40 -6.73 3.00
N LEU A 160 -11.37 -6.02 2.41
CA LEU A 160 -12.02 -4.90 3.11
C LEU A 160 -13.27 -5.31 3.86
N GLY A 161 -13.94 -6.36 3.42
CA GLY A 161 -15.19 -6.81 4.01
C GLY A 161 -16.20 -5.68 4.02
N LYS A 162 -17.02 -5.67 5.05
CA LYS A 162 -17.93 -4.55 5.26
C LYS A 162 -17.12 -3.37 5.74
N SER A 163 -16.92 -2.39 4.87
CA SER A 163 -16.08 -1.24 5.19
C SER A 163 -16.94 -0.12 5.75
N PHE A 164 -16.45 0.49 6.80
CA PHE A 164 -17.13 1.63 7.41
C PHE A 164 -16.78 2.88 6.63
N LEU A 165 -17.78 3.55 6.10
CA LEU A 165 -17.56 4.71 5.25
C LEU A 165 -17.39 5.97 6.10
N GLN A 166 -16.29 6.66 5.88
CA GLN A 166 -15.92 7.84 6.65
C GLN A 166 -15.67 8.98 5.67
N PHE A 167 -16.47 10.04 5.77
CA PHE A 167 -16.38 11.19 4.88
C PHE A 167 -15.37 12.20 5.41
N SER A 168 -14.50 12.68 4.52
CA SER A 168 -13.31 13.46 4.90
C SER A 168 -12.35 13.62 3.72
N MET B 1 -2.80 -1.89 18.34
CA MET B 1 -3.85 -2.18 17.36
C MET B 1 -5.25 -1.91 17.87
N ALA B 2 -6.01 -1.11 17.11
CA ALA B 2 -7.41 -0.88 17.42
C ALA B 2 -8.26 -1.99 16.82
N HIS B 3 -9.55 -1.93 17.08
CA HIS B 3 -10.52 -2.83 16.48
C HIS B 3 -11.29 -2.08 15.40
N SER B 4 -11.76 -2.83 14.42
CA SER B 4 -12.65 -2.23 13.44
C SER B 4 -13.89 -1.70 14.15
N PRO B 5 -14.60 -0.76 13.55
CA PRO B 5 -15.93 -0.40 14.05
C PRO B 5 -16.79 -1.64 14.15
N PRO B 6 -17.63 -1.75 15.19
CA PRO B 6 -18.39 -3.00 15.38
C PRO B 6 -19.20 -3.40 14.15
N GLY B 7 -19.17 -4.69 13.86
CA GLY B 7 -19.78 -5.20 12.65
C GLY B 7 -19.13 -4.74 11.37
N HIS B 8 -17.88 -4.28 11.40
CA HIS B 8 -17.13 -3.91 10.21
C HIS B 8 -15.74 -4.55 10.19
N HIS B 9 -15.12 -4.54 9.00
CA HIS B 9 -13.85 -5.19 8.77
C HIS B 9 -12.75 -4.23 8.33
N SER B 10 -13.10 -2.98 8.07
CA SER B 10 -12.15 -1.98 7.60
C SER B 10 -12.87 -0.65 7.64
N VAL B 11 -12.14 0.39 7.25
CA VAL B 11 -12.64 1.74 7.15
C VAL B 11 -12.17 2.30 5.81
N THR B 12 -13.11 2.84 5.04
CA THR B 12 -12.82 3.61 3.84
C THR B 12 -12.77 5.09 4.20
N GLY B 13 -11.66 5.73 3.90
CA GLY B 13 -11.60 7.17 4.04
C GLY B 13 -11.95 7.78 2.70
N ARG B 14 -13.10 8.39 2.61
CA ARG B 14 -13.53 8.97 1.34
C ARG B 14 -12.90 10.34 1.14
N PRO B 15 -12.38 10.63 -0.05
CA PRO B 15 -11.88 12.00 -0.31
C PRO B 15 -13.05 12.98 -0.36
N SER B 16 -12.95 14.04 0.45
CA SER B 16 -14.09 14.93 0.69
C SER B 16 -13.96 16.25 -0.06
N VAL B 17 -12.82 16.91 0.07
CA VAL B 17 -12.59 18.21 -0.54
C VAL B 17 -11.83 18.06 -1.84
N ASN B 18 -10.73 17.31 -1.82
CA ASN B 18 -9.87 17.14 -2.98
C ASN B 18 -10.61 16.44 -4.12
N GLY B 19 -10.97 17.18 -5.17
CA GLY B 19 -11.76 16.57 -6.22
C GLY B 19 -11.05 15.40 -6.90
N LEU B 20 -9.73 15.45 -7.00
CA LEU B 20 -9.01 14.44 -7.77
C LEU B 20 -8.52 13.24 -6.94
N ALA B 21 -8.73 13.24 -5.64
CA ALA B 21 -8.17 12.21 -4.78
C ALA B 21 -9.03 10.97 -4.79
N LEU B 22 -8.36 9.81 -4.69
CA LEU B 22 -9.00 8.52 -4.56
C LEU B 22 -8.98 8.10 -3.10
N ALA B 23 -9.67 7.00 -2.80
CA ALA B 23 -9.91 6.61 -1.42
C ALA B 23 -8.65 6.02 -0.78
N GLU B 24 -8.67 6.02 0.54
CA GLU B 24 -7.66 5.41 1.40
C GLU B 24 -8.38 4.44 2.32
N TYR B 25 -7.71 3.35 2.71
CA TYR B 25 -8.39 2.32 3.49
C TYR B 25 -7.54 1.92 4.68
N VAL B 26 -8.20 1.37 5.71
CA VAL B 26 -7.52 0.92 6.93
C VAL B 26 -8.06 -0.44 7.32
N ILE B 27 -7.17 -1.35 7.64
CA ILE B 27 -7.53 -2.64 8.21
C ILE B 27 -6.88 -2.73 9.58
N TYR B 28 -7.49 -3.55 10.44
CA TYR B 28 -7.03 -3.71 11.81
C TYR B 28 -6.51 -5.11 12.11
N ARG B 29 -6.45 -5.98 11.11
CA ARG B 29 -5.86 -7.30 11.21
C ARG B 29 -4.88 -7.42 10.04
N GLY B 30 -3.61 -7.69 10.34
CA GLY B 30 -2.62 -7.81 9.27
C GLY B 30 -2.89 -8.98 8.36
N GLU B 31 -3.61 -10.00 8.84
CA GLU B 31 -4.05 -11.13 8.04
C GLU B 31 -5.00 -10.74 6.91
N GLN B 32 -5.49 -9.48 6.86
CA GLN B 32 -6.38 -9.04 5.79
C GLN B 32 -5.65 -8.41 4.60
N ALA B 33 -4.33 -8.46 4.57
CA ALA B 33 -3.57 -8.01 3.42
C ALA B 33 -2.46 -9.00 3.12
N TYR B 34 -2.13 -9.13 1.84
CA TYR B 34 -1.00 -9.94 1.44
C TYR B 34 -0.13 -9.11 0.49
N PRO B 35 1.16 -9.03 0.71
CA PRO B 35 1.97 -8.15 -0.16
C PRO B 35 2.33 -8.82 -1.47
N GLU B 36 1.60 -8.56 -2.56
CA GLU B 36 1.73 -9.39 -3.76
C GLU B 36 2.90 -8.98 -4.65
N TYR B 37 3.18 -7.69 -4.76
CA TYR B 37 4.20 -7.17 -5.68
C TYR B 37 5.06 -6.17 -4.93
N LEU B 38 6.35 -6.26 -5.16
CA LEU B 38 7.33 -5.34 -4.61
C LEU B 38 7.85 -4.55 -5.80
N ILE B 39 7.66 -3.23 -5.78
CA ILE B 39 7.91 -2.37 -6.92
C ILE B 39 9.06 -1.43 -6.53
N THR B 40 10.14 -1.48 -7.30
CA THR B 40 11.32 -0.63 -7.13
C THR B 40 11.29 0.45 -8.20
N TYR B 41 11.50 1.72 -7.80
CA TYR B 41 11.22 2.82 -8.73
C TYR B 41 11.96 4.10 -8.35
N GLN B 42 11.89 5.06 -9.25
CA GLN B 42 12.34 6.40 -8.94
C GLN B 42 11.19 7.33 -9.28
N ILE B 43 11.02 8.38 -8.49
CA ILE B 43 10.19 9.47 -8.96
C ILE B 43 10.98 10.20 -10.01
N MET B 44 10.28 10.78 -10.97
CA MET B 44 10.90 11.51 -12.06
C MET B 44 10.64 13.00 -12.01
N ARG B 45 11.71 13.76 -12.19
CA ARG B 45 11.62 15.20 -12.23
C ARG B 45 10.81 15.61 -13.44
N PRO B 46 9.79 16.46 -13.28
CA PRO B 46 9.10 16.99 -14.45
C PRO B 46 10.03 17.86 -15.29
N GLU B 47 9.77 17.90 -16.58
CA GLU B 47 10.67 18.62 -17.48
C GLU B 47 10.20 20.05 -17.74
C10 A1H44 C . 0.54 4.06 3.20
C11 A1H44 C . 2.10 4.37 6.56
C14 A1H44 C . 1.93 5.20 7.65
C15 A1H44 C . 2.72 4.99 8.77
C16 A1H44 C . 3.62 3.94 8.81
C17 A1H44 C . 3.76 3.09 7.73
C20 A1H44 C . 5.84 4.39 9.78
C21 A1H44 C . 3.94 4.50 11.23
C22 A1H44 C . 4.70 2.30 10.42
C01 A1H44 C . -1.47 5.13 2.38
C02 A1H44 C . -2.55 6.00 2.57
C03 A1H44 C . -2.70 6.68 3.75
C04 A1H44 C . -1.80 6.44 4.74
C05 A1H44 C . -0.71 5.59 4.53
C06 A1H44 C . -0.52 4.93 3.37
C08 A1H44 C . 1.19 4.57 5.36
C18 A1H44 C . 2.97 3.29 6.60
C19 A1H44 C . 4.50 3.76 10.06
C23 A1H44 C . -2.61 8.33 6.26
C25 A1H44 C . -2.42 8.97 7.61
C26 A1H44 C . -3.43 8.47 8.60
N07 A1H44 C . 0.14 5.41 5.52
N09 A1H44 C . 1.38 3.89 4.21
N13 A1H44 C . -1.83 7.13 6.00
O12 A1H44 C . 0.75 3.47 2.18
O24 A1H44 C . -3.38 8.79 5.50
O27 A1H44 C . -3.41 9.43 9.61
O28 A1H44 C . -1.14 8.66 8.11
H141 A1H44 C . 1.19 6.00 7.62
H151 A1H44 C . 2.62 5.65 9.62
H171 A1H44 C . 4.48 2.29 7.75
H202 A1H44 C . 5.71 5.45 9.57
H201 A1H44 C . 6.28 3.92 8.90
H203 A1H44 C . 6.49 4.26 10.63
H211 A1H44 C . 4.04 5.57 11.06
H212 A1H44 C . 4.48 4.21 12.13
H213 A1H44 C . 2.90 4.25 11.35
H223 A1H44 C . 5.34 1.83 9.67
H222 A1H44 C . 3.74 1.80 10.45
H221 A1H44 C . 5.18 2.23 11.39
H011 A1H44 C . -1.37 4.60 1.44
H021 A1H44 C . -3.26 6.14 1.77
H031 A1H44 C . -3.51 7.38 3.88
H181 A1H44 C . 3.02 2.60 5.77
H251 A1H44 C . -2.54 10.03 7.47
H261 A1H44 C . -3.16 7.49 8.99
H262 A1H44 C . -4.42 8.42 8.15
H091 A1H44 C . 2.16 3.25 4.12
H131 A1H44 C . -1.27 6.76 6.75
H271 A1H44 C . -2.52 9.57 9.88
H281 A1H44 C . -0.50 8.86 7.46
ZN ZN D . 18.75 10.25 -2.37
S SO4 E . -3.25 15.00 0.23
O1 SO4 E . -3.09 15.99 1.27
O2 SO4 E . -2.12 14.07 0.34
O3 SO4 E . -4.46 14.23 0.34
O4 SO4 E . -3.23 15.70 -1.04
S SO4 F . 6.81 15.03 -17.09
O1 SO4 F . 7.90 14.59 -16.19
O2 SO4 F . 6.37 16.39 -16.85
O3 SO4 F . 5.71 14.09 -16.91
O4 SO4 F . 7.29 14.98 -18.45
#